data_7TD9
#
_entry.id   7TD9
#
_cell.length_a   90.260
_cell.length_b   90.260
_cell.length_c   96.790
_cell.angle_alpha   90.000
_cell.angle_beta   90.000
_cell.angle_gamma   120.000
#
_symmetry.space_group_name_H-M   'P 65'
#
loop_
_entity.id
_entity.type
_entity.pdbx_description
1 polymer 'Isoform 4 of Transcription activator BRG1'
2 non-polymer 4-phenyl-5H-pyridazino[4,3-b]indol-3-amine
3 water water
#
_entity_poly.entity_id   1
_entity_poly.type   'polypeptide(L)'
_entity_poly.pdbx_seq_one_letter_code
;GSAEKLSPNPPNLTKKMKKIVDAVIKYKDSSSGRQLSEVFIQLPSRKELPEYYELIRKPVDFKKIKERIRNHKYRSLNDL
EKDVMLLCQNAQTFNLEGSLIYEDSIVLQSVFTSVRQKIEKEDDSEGEES
;
_entity_poly.pdbx_strand_id   AAA,BBB,CCC
#
loop_
_chem_comp.id
_chem_comp.type
_chem_comp.name
_chem_comp.formula
GJN non-polymer 4-phenyl-5H-pyridazino[4,3-b]indol-3-amine 'C16 H12 N4'
#
# COMPACT_ATOMS: atom_id res chain seq x y z
N LYS A 5 -11.00 16.52 -24.92
CA LYS A 5 -11.55 17.61 -24.03
C LYS A 5 -12.62 17.01 -23.13
N LEU A 6 -12.20 16.75 -21.90
CA LEU A 6 -13.07 16.11 -20.93
C LEU A 6 -13.97 17.14 -20.26
N SER A 7 -15.07 16.64 -19.71
CA SER A 7 -15.95 17.44 -18.91
C SER A 7 -15.21 17.90 -17.64
N PRO A 8 -15.27 19.19 -17.26
CA PRO A 8 -14.53 19.65 -16.09
C PRO A 8 -14.95 19.01 -14.77
N ASN A 9 -13.97 18.71 -13.90
CA ASN A 9 -14.26 18.28 -12.55
C ASN A 9 -14.92 19.45 -11.80
N PRO A 10 -15.60 19.18 -10.67
CA PRO A 10 -15.98 20.28 -9.76
C PRO A 10 -14.70 21.00 -9.32
N PRO A 11 -14.67 22.34 -9.29
CA PRO A 11 -13.49 23.02 -8.74
C PRO A 11 -12.91 22.52 -7.43
N ASN A 12 -13.71 22.13 -6.42
CA ASN A 12 -13.21 21.67 -5.15
C ASN A 12 -12.34 20.41 -5.34
N LEU A 13 -12.72 19.58 -6.30
CA LEU A 13 -11.93 18.35 -6.54
C LEU A 13 -10.60 18.71 -7.18
N THR A 14 -10.64 19.57 -8.19
CA THR A 14 -9.40 19.94 -8.89
C THR A 14 -8.43 20.58 -7.89
N LYS A 15 -8.96 21.54 -7.14
CA LYS A 15 -8.26 22.23 -6.10
C LYS A 15 -7.66 21.26 -5.06
N LYS A 16 -8.38 20.21 -4.64
CA LYS A 16 -7.91 19.21 -3.72
C LYS A 16 -6.76 18.34 -4.30
N MET A 17 -6.94 17.94 -5.56
CA MET A 17 -5.87 17.17 -6.21
C MET A 17 -4.58 17.97 -6.23
N LYS A 18 -4.68 19.26 -6.61
CA LYS A 18 -3.51 20.11 -6.68
C LYS A 18 -2.89 20.33 -5.32
N LYS A 19 -3.74 20.46 -4.29
CA LYS A 19 -3.21 20.63 -2.95
C LYS A 19 -2.36 19.43 -2.51
N ILE A 20 -2.87 18.23 -2.79
CA ILE A 20 -2.20 17.01 -2.41
C ILE A 20 -0.87 16.88 -3.17
N VAL A 21 -0.92 17.11 -4.49
CA VAL A 21 0.31 16.93 -5.25
C VAL A 21 1.37 17.97 -4.88
N ASP A 22 0.90 19.21 -4.63
CA ASP A 22 1.84 20.25 -4.23
C ASP A 22 2.56 19.85 -2.94
N ALA A 23 1.83 19.25 -1.99
CA ALA A 23 2.44 18.89 -0.73
C ALA A 23 3.44 17.73 -0.91
N VAL A 24 3.13 16.79 -1.80
CA VAL A 24 4.06 15.71 -2.05
C VAL A 24 5.32 16.25 -2.70
N ILE A 25 5.15 17.18 -3.64
CA ILE A 25 6.31 17.74 -4.33
C ILE A 25 7.20 18.56 -3.38
N LYS A 26 6.58 19.27 -2.43
CA LYS A 26 7.36 20.15 -1.55
C LYS A 26 8.06 19.38 -0.42
N TYR A 27 7.63 18.14 -0.17
CA TYR A 27 8.09 17.38 0.98
C TYR A 27 9.62 17.27 1.01
N LYS A 28 10.18 17.49 2.20
CA LYS A 28 11.61 17.39 2.41
C LYS A 28 11.98 16.23 3.34
N ASP A 29 13.05 15.53 2.94
CA ASP A 29 13.63 14.43 3.69
C ASP A 29 13.88 14.91 5.12
N SER A 30 13.43 14.04 6.05
CA SER A 30 13.31 14.30 7.47
C SER A 30 14.68 14.24 8.15
N SER A 31 15.75 14.00 7.38
CA SER A 31 17.11 14.05 7.88
C SER A 31 18.05 14.95 7.06
N SER A 32 17.96 14.89 5.73
CA SER A 32 18.90 15.58 4.87
C SER A 32 18.34 16.93 4.39
N GLY A 33 17.02 17.13 4.56
CA GLY A 33 16.33 18.28 4.02
C GLY A 33 16.13 18.31 2.49
N ARG A 34 16.48 17.24 1.78
CA ARG A 34 16.42 17.18 0.33
C ARG A 34 14.96 17.08 -0.11
N GLN A 35 14.60 17.78 -1.19
CA GLN A 35 13.25 17.59 -1.74
C GLN A 35 13.18 16.27 -2.53
N LEU A 36 12.46 15.28 -2.00
CA LEU A 36 12.51 13.91 -2.52
C LEU A 36 11.95 13.85 -3.93
N SER A 37 11.04 14.77 -4.24
CA SER A 37 10.37 14.74 -5.53
C SER A 37 11.29 15.13 -6.69
N GLU A 38 12.46 15.76 -6.44
CA GLU A 38 13.22 16.44 -7.47
C GLU A 38 13.53 15.59 -8.70
N VAL A 39 13.99 14.33 -8.49
CA VAL A 39 14.40 13.52 -9.64
C VAL A 39 13.16 13.18 -10.49
N PHE A 40 11.96 13.26 -9.87
CA PHE A 40 10.77 12.70 -10.51
C PHE A 40 9.90 13.78 -11.15
N ILE A 41 10.34 15.05 -11.16
CA ILE A 41 9.49 16.10 -11.70
C ILE A 41 9.30 15.93 -13.21
N GLN A 42 10.40 15.67 -13.94
CA GLN A 42 10.35 15.62 -15.40
C GLN A 42 11.23 14.46 -15.86
N LEU A 43 10.59 13.55 -16.63
CA LEU A 43 11.30 12.43 -17.21
C LEU A 43 12.41 12.97 -18.11
N PRO A 44 13.56 12.27 -18.16
CA PRO A 44 14.52 12.51 -19.24
C PRO A 44 13.82 12.16 -20.55
N SER A 45 14.23 12.80 -21.65
CA SER A 45 13.73 12.41 -22.97
C SER A 45 14.14 10.99 -23.35
N ARG A 46 13.48 10.45 -24.38
CA ARG A 46 13.85 9.15 -24.93
C ARG A 46 15.27 9.12 -25.47
N LYS A 47 15.73 10.25 -26.03
CA LYS A 47 17.10 10.32 -26.53
C LYS A 47 18.10 10.29 -25.39
N GLU A 48 17.76 10.94 -24.26
CA GLU A 48 18.65 11.01 -23.12
C GLU A 48 18.72 9.69 -22.36
N LEU A 49 17.59 8.96 -22.25
CA LEU A 49 17.60 7.78 -21.42
C LEU A 49 16.78 6.68 -22.08
N PRO A 50 17.23 6.14 -23.23
CA PRO A 50 16.40 5.17 -23.93
C PRO A 50 16.15 3.89 -23.12
N GLU A 51 17.08 3.51 -22.23
CA GLU A 51 16.89 2.29 -21.43
C GLU A 51 15.64 2.40 -20.55
N TYR A 52 15.28 3.63 -20.17
CA TYR A 52 14.14 3.81 -19.26
C TYR A 52 12.88 3.43 -20.01
N TYR A 53 12.79 3.92 -21.26
CA TYR A 53 11.59 3.71 -22.07
C TYR A 53 11.52 2.29 -22.61
N GLU A 54 12.68 1.63 -22.70
CA GLU A 54 12.73 0.22 -23.05
C GLU A 54 12.09 -0.67 -21.98
N LEU A 55 12.19 -0.25 -20.70
CA LEU A 55 11.76 -1.07 -19.58
C LEU A 55 10.35 -0.72 -19.08
N ILE A 56 10.04 0.60 -19.06
CA ILE A 56 8.87 1.04 -18.27
C ILE A 56 7.69 1.30 -19.22
N ARG A 57 6.59 0.57 -18.99
CA ARG A 57 5.47 0.56 -19.92
C ARG A 57 4.78 1.92 -20.03
N LYS A 58 4.60 2.56 -18.85
CA LYS A 58 3.87 3.80 -18.77
C LYS A 58 4.64 4.78 -17.92
N PRO A 59 5.62 5.46 -18.54
CA PRO A 59 6.36 6.52 -17.83
C PRO A 59 5.43 7.62 -17.35
N VAL A 60 5.71 8.06 -16.13
CA VAL A 60 4.98 9.20 -15.59
C VAL A 60 5.91 10.01 -14.71
N ASP A 61 5.64 11.31 -14.67
CA ASP A 61 6.41 12.18 -13.81
C ASP A 61 5.43 13.20 -13.19
N PHE A 62 5.92 14.05 -12.28
CA PHE A 62 4.99 14.98 -11.65
C PHE A 62 4.48 16.03 -12.64
N LYS A 63 5.27 16.39 -13.68
CA LYS A 63 4.72 17.24 -14.72
C LYS A 63 3.45 16.64 -15.35
N LYS A 64 3.47 15.32 -15.70
CA LYS A 64 2.30 14.69 -16.30
C LYS A 64 1.18 14.58 -15.29
N ILE A 65 1.50 14.30 -13.99
CA ILE A 65 0.44 14.24 -13.00
C ILE A 65 -0.28 15.60 -12.91
N LYS A 66 0.51 16.69 -12.93
CA LYS A 66 -0.17 17.98 -12.95
C LYS A 66 -0.98 18.23 -14.20
N GLU A 67 -0.51 17.74 -15.36
CA GLU A 67 -1.25 17.93 -16.62
C GLU A 67 -2.57 17.17 -16.51
N ARG A 68 -2.57 16.01 -15.86
CA ARG A 68 -3.76 15.19 -15.81
C ARG A 68 -4.76 15.74 -14.80
N ILE A 69 -4.29 16.51 -13.81
CA ILE A 69 -5.20 17.26 -12.94
C ILE A 69 -5.79 18.39 -13.78
N ARG A 70 -4.91 19.11 -14.47
CA ARG A 70 -5.34 20.28 -15.26
C ARG A 70 -6.39 19.91 -16.31
N ASN A 71 -6.21 18.76 -16.98
CA ASN A 71 -7.08 18.36 -18.07
C ASN A 71 -8.26 17.51 -17.60
N HIS A 72 -8.38 17.28 -16.27
CA HIS A 72 -9.51 16.56 -15.69
C HIS A 72 -9.46 15.08 -16.07
N LYS A 73 -8.26 14.55 -16.34
CA LYS A 73 -8.18 13.13 -16.68
C LYS A 73 -8.51 12.29 -15.45
N TYR A 74 -7.99 12.71 -14.30
CA TYR A 74 -8.38 12.03 -13.07
C TYR A 74 -9.78 12.50 -12.72
N ARG A 75 -10.67 11.57 -12.37
CA ARG A 75 -12.04 11.90 -11.99
C ARG A 75 -12.25 11.77 -10.50
N SER A 76 -11.23 11.36 -9.74
CA SER A 76 -11.32 11.25 -8.31
C SER A 76 -9.93 11.18 -7.72
N LEU A 77 -9.88 11.34 -6.40
CA LEU A 77 -8.60 11.17 -5.72
C LEU A 77 -8.03 9.76 -5.93
N ASN A 78 -8.91 8.75 -6.12
CA ASN A 78 -8.40 7.42 -6.40
C ASN A 78 -7.66 7.33 -7.72
N ASP A 79 -8.12 8.07 -8.77
CA ASP A 79 -7.44 8.07 -10.05
C ASP A 79 -6.06 8.72 -9.89
N LEU A 80 -6.01 9.85 -9.15
CA LEU A 80 -4.75 10.52 -8.86
C LEU A 80 -3.80 9.56 -8.14
N GLU A 81 -4.31 8.90 -7.09
CA GLU A 81 -3.46 8.02 -6.27
C GLU A 81 -2.87 6.91 -7.14
N LYS A 82 -3.64 6.38 -8.10
CA LYS A 82 -3.14 5.30 -8.94
C LYS A 82 -1.92 5.76 -9.75
N ASP A 83 -1.92 7.00 -10.23
CA ASP A 83 -0.79 7.48 -10.99
C ASP A 83 0.40 7.80 -10.10
N VAL A 84 0.17 8.32 -8.88
CA VAL A 84 1.30 8.56 -8.00
C VAL A 84 1.90 7.20 -7.61
N MET A 85 1.05 6.20 -7.38
CA MET A 85 1.60 4.89 -7.03
C MET A 85 2.35 4.29 -8.23
N LEU A 86 1.90 4.56 -9.47
CA LEU A 86 2.58 4.09 -10.66
C LEU A 86 3.93 4.75 -10.77
N LEU A 87 3.99 6.08 -10.53
CA LEU A 87 5.28 6.76 -10.57
C LEU A 87 6.29 6.04 -9.65
N CYS A 88 5.86 5.74 -8.42
CA CYS A 88 6.78 5.13 -7.45
C CYS A 88 7.09 3.70 -7.88
N GLN A 89 6.08 2.94 -8.34
CA GLN A 89 6.38 1.56 -8.78
C GLN A 89 7.36 1.55 -9.96
N ASN A 90 7.22 2.49 -10.89
CA ASN A 90 8.16 2.57 -12.00
C ASN A 90 9.59 2.80 -11.45
N ALA A 91 9.72 3.66 -10.43
CA ALA A 91 11.02 3.95 -9.85
C ALA A 91 11.60 2.69 -9.22
N GLN A 92 10.73 1.89 -8.60
CA GLN A 92 11.15 0.64 -7.99
C GLN A 92 11.51 -0.43 -9.04
N THR A 93 11.10 -0.26 -10.31
CA THR A 93 11.42 -1.24 -11.33
C THR A 93 12.71 -0.87 -12.03
N PHE A 94 12.95 0.45 -12.23
CA PHE A 94 14.14 0.89 -12.97
C PHE A 94 15.38 1.00 -12.07
N ASN A 95 15.16 1.11 -10.75
CA ASN A 95 16.30 1.35 -9.86
C ASN A 95 16.40 0.20 -8.86
N LEU A 96 17.64 -0.08 -8.38
CA LEU A 96 17.83 -1.18 -7.47
C LEU A 96 17.27 -0.89 -6.07
N GLU A 97 16.81 -1.93 -5.38
CA GLU A 97 16.60 -1.84 -3.93
C GLU A 97 17.92 -1.41 -3.27
N GLY A 98 17.80 -0.48 -2.34
CA GLY A 98 18.98 0.07 -1.65
C GLY A 98 19.59 1.27 -2.36
N SER A 99 19.15 1.57 -3.60
CA SER A 99 19.50 2.83 -4.21
C SER A 99 18.69 3.96 -3.57
N LEU A 100 19.28 5.15 -3.55
CA LEU A 100 18.56 6.29 -3.03
C LEU A 100 17.28 6.61 -3.81
N ILE A 101 17.31 6.52 -5.15
CA ILE A 101 16.10 6.84 -5.91
C ILE A 101 15.01 5.82 -5.56
N TYR A 102 15.36 4.53 -5.42
CA TYR A 102 14.37 3.54 -5.05
C TYR A 102 13.78 3.86 -3.69
N GLU A 103 14.65 4.10 -2.69
CA GLU A 103 14.16 4.28 -1.34
C GLU A 103 13.38 5.60 -1.20
N ASP A 104 13.80 6.64 -1.92
CA ASP A 104 13.04 7.87 -1.99
C ASP A 104 11.62 7.60 -2.49
N SER A 105 11.47 6.73 -3.50
CA SER A 105 10.12 6.51 -4.02
C SER A 105 9.21 5.84 -2.99
N ILE A 106 9.79 4.96 -2.16
CA ILE A 106 8.97 4.33 -1.11
C ILE A 106 8.47 5.41 -0.13
N VAL A 107 9.38 6.30 0.27
CA VAL A 107 9.01 7.42 1.13
C VAL A 107 7.91 8.27 0.49
N LEU A 108 8.06 8.60 -0.81
CA LEU A 108 7.05 9.44 -1.45
C LEU A 108 5.68 8.78 -1.49
N GLN A 109 5.60 7.47 -1.63
CA GLN A 109 4.29 6.79 -1.55
C GLN A 109 3.63 7.05 -0.19
N SER A 110 4.43 6.93 0.89
N SER A 110 4.43 6.93 0.89
CA SER A 110 3.93 7.14 2.24
CA SER A 110 3.93 7.16 2.24
C SER A 110 3.49 8.60 2.44
C SER A 110 3.49 8.60 2.44
N VAL A 111 4.20 9.55 1.83
CA VAL A 111 3.88 10.95 1.90
C VAL A 111 2.54 11.20 1.20
N PHE A 112 2.38 10.63 -0.02
CA PHE A 112 1.11 10.77 -0.71
C PHE A 112 -0.05 10.27 0.17
N THR A 113 0.08 9.04 0.71
CA THR A 113 -1.02 8.49 1.49
C THR A 113 -1.33 9.37 2.70
N SER A 114 -0.28 9.79 3.39
CA SER A 114 -0.48 10.60 4.60
C SER A 114 -1.11 11.96 4.31
N VAL A 115 -0.67 12.63 3.25
CA VAL A 115 -1.16 13.94 2.92
C VAL A 115 -2.61 13.81 2.44
N ARG A 116 -2.93 12.78 1.65
CA ARG A 116 -4.28 12.59 1.17
C ARG A 116 -5.22 12.40 2.37
N GLN A 117 -4.77 11.57 3.33
CA GLN A 117 -5.60 11.32 4.49
C GLN A 117 -5.87 12.61 5.26
N LYS A 118 -4.87 13.49 5.33
CA LYS A 118 -4.97 14.73 6.08
C LYS A 118 -5.90 15.71 5.35
N ILE A 119 -5.72 15.84 4.02
CA ILE A 119 -6.52 16.77 3.22
C ILE A 119 -7.98 16.29 3.12
N GLU A 120 -8.21 14.97 3.09
CA GLU A 120 -9.50 14.40 3.48
C GLU A 120 -9.55 14.44 5.02
N SER B 7 -24.73 14.78 -10.26
CA SER B 7 -24.05 15.00 -11.60
C SER B 7 -23.72 13.68 -12.31
N PRO B 8 -24.52 13.19 -13.27
CA PRO B 8 -24.44 11.76 -13.62
C PRO B 8 -23.13 11.40 -14.31
N ASN B 9 -22.71 10.15 -14.11
CA ASN B 9 -21.64 9.64 -14.95
C ASN B 9 -22.07 9.55 -16.41
N PRO B 10 -21.10 9.49 -17.35
CA PRO B 10 -21.35 9.18 -18.76
C PRO B 10 -22.03 7.83 -18.80
N PRO B 11 -23.08 7.67 -19.61
CA PRO B 11 -23.82 6.41 -19.67
C PRO B 11 -22.97 5.16 -19.89
N ASN B 12 -21.91 5.26 -20.70
CA ASN B 12 -21.11 4.10 -20.99
C ASN B 12 -20.34 3.70 -19.73
N LEU B 13 -20.00 4.66 -18.86
CA LEU B 13 -19.26 4.28 -17.64
C LEU B 13 -20.17 3.51 -16.72
N THR B 14 -21.38 4.02 -16.47
CA THR B 14 -22.33 3.28 -15.63
C THR B 14 -22.54 1.89 -16.21
N LYS B 15 -22.67 1.74 -17.53
CA LYS B 15 -22.89 0.43 -18.15
C LYS B 15 -21.69 -0.49 -17.84
N LYS B 16 -20.46 0.02 -17.93
CA LYS B 16 -19.27 -0.78 -17.64
C LYS B 16 -19.25 -1.23 -16.17
N MET B 17 -19.51 -0.30 -15.26
CA MET B 17 -19.57 -0.62 -13.83
C MET B 17 -20.54 -1.75 -13.58
N LYS B 18 -21.76 -1.59 -14.11
CA LYS B 18 -22.80 -2.62 -13.92
C LYS B 18 -22.35 -3.95 -14.47
N LYS B 19 -21.73 -3.95 -15.66
CA LYS B 19 -21.37 -5.21 -16.28
C LYS B 19 -20.30 -5.92 -15.44
N ILE B 20 -19.33 -5.16 -14.91
CA ILE B 20 -18.27 -5.77 -14.12
C ILE B 20 -18.86 -6.36 -12.84
N VAL B 21 -19.71 -5.58 -12.16
CA VAL B 21 -20.24 -6.07 -10.89
C VAL B 21 -21.16 -7.26 -11.12
N ASP B 22 -21.91 -7.25 -12.23
CA ASP B 22 -22.83 -8.36 -12.49
C ASP B 22 -22.01 -9.63 -12.73
N ALA B 23 -20.85 -9.52 -13.38
CA ALA B 23 -20.03 -10.69 -13.64
C ALA B 23 -19.46 -11.25 -12.33
N VAL B 24 -19.08 -10.35 -11.42
CA VAL B 24 -18.55 -10.79 -10.13
C VAL B 24 -19.66 -11.49 -9.35
N ILE B 25 -20.87 -10.90 -9.38
CA ILE B 25 -21.95 -11.45 -8.53
C ILE B 25 -22.39 -12.80 -9.10
N LYS B 26 -22.43 -12.94 -10.43
CA LYS B 26 -22.95 -14.18 -11.03
C LYS B 26 -21.92 -15.31 -11.03
N TYR B 27 -20.65 -15.01 -10.75
CA TYR B 27 -19.60 -16.03 -10.89
C TYR B 27 -19.89 -17.29 -10.05
N LYS B 28 -19.72 -18.47 -10.68
CA LYS B 28 -19.94 -19.74 -9.99
C LYS B 28 -18.63 -20.52 -9.91
N ASP B 29 -18.46 -21.23 -8.79
CA ASP B 29 -17.38 -22.22 -8.73
C ASP B 29 -17.71 -23.28 -9.77
N SER B 30 -16.80 -23.66 -10.67
CA SER B 30 -17.34 -24.54 -11.70
C SER B 30 -17.56 -25.94 -11.12
N SER B 31 -16.71 -26.28 -10.15
CA SER B 31 -16.69 -27.57 -9.48
C SER B 31 -17.99 -27.82 -8.69
N SER B 32 -18.36 -26.87 -7.83
CA SER B 32 -19.52 -27.07 -6.96
C SER B 32 -20.78 -26.43 -7.51
N GLY B 33 -20.61 -25.47 -8.44
CA GLY B 33 -21.74 -24.73 -8.97
C GLY B 33 -22.19 -23.56 -8.08
N ARG B 34 -21.49 -23.34 -6.95
CA ARG B 34 -21.93 -22.39 -5.95
C ARG B 34 -21.67 -20.95 -6.43
N GLN B 35 -22.61 -20.06 -6.15
CA GLN B 35 -22.38 -18.65 -6.47
C GLN B 35 -21.59 -18.03 -5.33
N LEU B 36 -20.33 -17.67 -5.58
CA LEU B 36 -19.42 -17.24 -4.53
C LEU B 36 -19.88 -15.95 -3.84
N SER B 37 -20.60 -15.10 -4.58
CA SER B 37 -20.96 -13.80 -4.00
C SER B 37 -22.08 -13.91 -2.96
N GLU B 38 -22.77 -15.06 -2.83
CA GLU B 38 -24.03 -15.10 -2.09
C GLU B 38 -23.91 -14.53 -0.67
N VAL B 39 -22.85 -14.93 0.08
CA VAL B 39 -22.68 -14.48 1.46
C VAL B 39 -22.47 -12.98 1.55
N PHE B 40 -21.99 -12.37 0.45
CA PHE B 40 -21.51 -10.99 0.48
C PHE B 40 -22.54 -10.00 -0.05
N ILE B 41 -23.73 -10.49 -0.45
CA ILE B 41 -24.73 -9.60 -1.04
C ILE B 41 -25.19 -8.57 0.00
N GLN B 42 -25.54 -9.05 1.21
CA GLN B 42 -26.12 -8.16 2.23
C GLN B 42 -25.47 -8.43 3.59
N LEU B 43 -24.98 -7.37 4.22
CA LEU B 43 -24.33 -7.40 5.51
C LEU B 43 -25.28 -8.01 6.53
N PRO B 44 -24.77 -8.75 7.52
CA PRO B 44 -25.63 -9.15 8.63
C PRO B 44 -26.01 -7.86 9.35
N SER B 45 -27.18 -7.82 9.98
CA SER B 45 -27.56 -6.66 10.79
C SER B 45 -26.65 -6.55 12.02
N ARG B 46 -26.57 -5.34 12.58
CA ARG B 46 -25.90 -5.13 13.86
C ARG B 46 -26.53 -5.96 14.97
N LYS B 47 -27.84 -6.20 14.91
CA LYS B 47 -28.54 -7.00 15.90
C LYS B 47 -28.07 -8.45 15.82
N GLU B 48 -27.88 -8.97 14.60
CA GLU B 48 -27.62 -10.38 14.47
C GLU B 48 -26.13 -10.68 14.64
N LEU B 49 -25.25 -9.75 14.29
CA LEU B 49 -23.82 -10.04 14.37
C LEU B 49 -23.08 -8.79 14.83
N PRO B 50 -23.30 -8.36 16.09
CA PRO B 50 -22.62 -7.17 16.58
C PRO B 50 -21.09 -7.21 16.49
N GLU B 51 -20.49 -8.41 16.62
CA GLU B 51 -19.03 -8.51 16.62
C GLU B 51 -18.48 -8.09 15.25
N TYR B 52 -19.26 -8.26 14.17
CA TYR B 52 -18.79 -7.87 12.84
C TYR B 52 -18.48 -6.37 12.84
N TYR B 53 -19.39 -5.61 13.45
CA TYR B 53 -19.32 -4.15 13.41
C TYR B 53 -18.27 -3.62 14.39
N GLU B 54 -17.93 -4.42 15.41
CA GLU B 54 -16.82 -4.14 16.31
C GLU B 54 -15.48 -4.21 15.57
N LEU B 55 -15.36 -5.15 14.62
CA LEU B 55 -14.08 -5.54 14.06
C LEU B 55 -13.84 -4.88 12.70
N ILE B 56 -14.92 -4.70 11.92
CA ILE B 56 -14.79 -4.19 10.56
C ILE B 56 -15.18 -2.72 10.54
N ARG B 57 -14.19 -1.87 10.23
CA ARG B 57 -14.33 -0.42 10.41
C ARG B 57 -15.31 0.17 9.39
N LYS B 58 -15.27 -0.36 8.16
CA LYS B 58 -16.05 0.18 7.06
C LYS B 58 -16.76 -0.96 6.35
N PRO B 59 -17.91 -1.40 6.90
CA PRO B 59 -18.69 -2.47 6.31
C PRO B 59 -19.14 -2.11 4.90
N VAL B 60 -19.10 -3.11 4.01
CA VAL B 60 -19.64 -2.93 2.68
C VAL B 60 -20.18 -4.25 2.17
N ASP B 61 -21.17 -4.19 1.31
CA ASP B 61 -21.73 -5.38 0.70
C ASP B 61 -22.00 -5.10 -0.77
N PHE B 62 -22.41 -6.11 -1.52
CA PHE B 62 -22.69 -5.89 -2.95
C PHE B 62 -23.92 -5.00 -3.11
N LYS B 63 -24.87 -5.12 -2.19
CA LYS B 63 -26.02 -4.21 -2.24
C LYS B 63 -25.56 -2.74 -2.25
N LYS B 64 -24.64 -2.36 -1.36
CA LYS B 64 -24.17 -0.97 -1.27
C LYS B 64 -23.39 -0.60 -2.54
N ILE B 65 -22.60 -1.56 -3.05
CA ILE B 65 -21.81 -1.26 -4.25
C ILE B 65 -22.74 -0.99 -5.43
N LYS B 66 -23.83 -1.77 -5.59
CA LYS B 66 -24.79 -1.54 -6.66
C LYS B 66 -25.43 -0.14 -6.48
N GLU B 67 -25.70 0.23 -5.23
CA GLU B 67 -26.37 1.51 -4.96
C GLU B 67 -25.45 2.64 -5.39
N ARG B 68 -24.15 2.46 -5.15
CA ARG B 68 -23.12 3.47 -5.40
C ARG B 68 -22.89 3.64 -6.90
N ILE B 69 -23.15 2.58 -7.68
CA ILE B 69 -23.12 2.74 -9.13
C ILE B 69 -24.35 3.55 -9.56
N ARG B 70 -25.50 3.13 -9.01
CA ARG B 70 -26.78 3.69 -9.45
C ARG B 70 -26.84 5.19 -9.15
N ASN B 71 -26.31 5.61 -8.01
CA ASN B 71 -26.36 7.01 -7.56
C ASN B 71 -25.15 7.82 -8.00
N HIS B 72 -24.27 7.22 -8.82
CA HIS B 72 -23.12 7.91 -9.40
C HIS B 72 -22.07 8.26 -8.38
N LYS B 73 -21.99 7.59 -7.22
CA LYS B 73 -21.02 7.92 -6.23
C LYS B 73 -19.61 7.58 -6.73
N TYR B 74 -19.48 6.43 -7.41
CA TYR B 74 -18.18 6.15 -8.02
C TYR B 74 -18.05 6.97 -9.30
N ARG B 75 -16.89 7.60 -9.49
CA ARG B 75 -16.67 8.44 -10.67
C ARG B 75 -15.72 7.80 -11.68
N SER B 76 -15.22 6.59 -11.40
CA SER B 76 -14.39 5.87 -12.36
C SER B 76 -14.35 4.42 -11.93
N LEU B 77 -13.83 3.59 -12.82
CA LEU B 77 -13.70 2.19 -12.46
C LEU B 77 -12.74 2.01 -11.28
N ASN B 78 -11.79 2.93 -11.08
CA ASN B 78 -10.95 2.88 -9.90
C ASN B 78 -11.72 3.03 -8.62
N ASP B 79 -12.77 3.89 -8.58
CA ASP B 79 -13.55 4.07 -7.38
C ASP B 79 -14.34 2.79 -7.09
N LEU B 80 -14.88 2.16 -8.14
CA LEU B 80 -15.62 0.91 -7.96
C LEU B 80 -14.64 -0.13 -7.43
N GLU B 81 -13.47 -0.20 -8.04
CA GLU B 81 -12.51 -1.25 -7.65
C GLU B 81 -12.12 -1.11 -6.20
N LYS B 82 -11.97 0.12 -5.70
CA LYS B 82 -11.58 0.31 -4.32
C LYS B 82 -12.64 -0.27 -3.37
N ASP B 83 -13.93 -0.15 -3.70
CA ASP B 83 -14.96 -0.71 -2.83
C ASP B 83 -14.97 -2.25 -2.93
N VAL B 84 -14.74 -2.79 -4.12
CA VAL B 84 -14.72 -4.25 -4.25
C VAL B 84 -13.53 -4.77 -3.48
N MET B 85 -12.40 -4.05 -3.53
CA MET B 85 -11.21 -4.49 -2.80
C MET B 85 -11.44 -4.36 -1.28
N LEU B 86 -12.19 -3.34 -0.83
CA LEU B 86 -12.56 -3.21 0.59
C LEU B 86 -13.43 -4.39 1.02
N LEU B 87 -14.41 -4.77 0.19
CA LEU B 87 -15.26 -5.90 0.53
C LEU B 87 -14.39 -7.14 0.75
N CYS B 88 -13.47 -7.37 -0.17
CA CYS B 88 -12.63 -8.57 -0.09
C CYS B 88 -11.69 -8.49 1.10
N GLN B 89 -11.13 -7.31 1.37
CA GLN B 89 -10.23 -7.15 2.53
C GLN B 89 -11.00 -7.40 3.83
N ASN B 90 -12.23 -6.90 3.91
CA ASN B 90 -13.08 -7.11 5.09
C ASN B 90 -13.29 -8.61 5.28
N ALA B 91 -13.51 -9.34 4.19
CA ALA B 91 -13.77 -10.79 4.29
C ALA B 91 -12.50 -11.46 4.84
N GLN B 92 -11.35 -10.96 4.42
CA GLN B 92 -10.06 -11.50 4.85
C GLN B 92 -9.73 -11.10 6.28
N THR B 93 -10.34 -10.01 6.80
CA THR B 93 -10.13 -9.60 8.18
C THR B 93 -11.05 -10.37 9.11
N PHE B 94 -12.32 -10.58 8.72
CA PHE B 94 -13.28 -11.18 9.64
C PHE B 94 -13.20 -12.72 9.65
N ASN B 95 -12.54 -13.30 8.65
CA ASN B 95 -12.51 -14.76 8.51
C ASN B 95 -11.08 -15.22 8.50
N LEU B 96 -10.89 -16.47 8.95
CA LEU B 96 -9.51 -16.95 9.07
C LEU B 96 -8.92 -17.31 7.71
N GLU B 97 -7.60 -17.14 7.60
CA GLU B 97 -6.88 -17.49 6.40
C GLU B 97 -7.14 -18.96 6.08
N GLY B 98 -7.39 -19.25 4.81
CA GLY B 98 -7.69 -20.60 4.40
C GLY B 98 -9.16 -21.02 4.48
N SER B 99 -10.00 -20.26 5.22
CA SER B 99 -11.42 -20.55 5.33
C SER B 99 -12.09 -20.35 3.96
N LEU B 100 -13.25 -20.98 3.79
CA LEU B 100 -13.96 -20.92 2.53
C LEU B 100 -14.31 -19.47 2.22
N ILE B 101 -14.82 -18.71 3.21
CA ILE B 101 -15.27 -17.35 2.96
C ILE B 101 -14.06 -16.46 2.61
N TYR B 102 -12.94 -16.65 3.28
CA TYR B 102 -11.73 -15.90 2.98
C TYR B 102 -11.28 -16.21 1.55
N GLU B 103 -11.22 -17.50 1.18
CA GLU B 103 -10.75 -17.89 -0.13
C GLU B 103 -11.74 -17.46 -1.22
N ASP B 104 -13.04 -17.50 -0.92
CA ASP B 104 -14.03 -17.04 -1.91
C ASP B 104 -13.75 -15.56 -2.19
N SER B 105 -13.38 -14.76 -1.16
CA SER B 105 -13.15 -13.34 -1.45
C SER B 105 -11.97 -13.15 -2.38
N ILE B 106 -10.93 -13.99 -2.24
CA ILE B 106 -9.77 -13.87 -3.12
C ILE B 106 -10.22 -14.20 -4.54
N VAL B 107 -11.04 -15.24 -4.75
CA VAL B 107 -11.53 -15.59 -6.08
C VAL B 107 -12.28 -14.40 -6.66
N LEU B 108 -13.18 -13.80 -5.86
CA LEU B 108 -13.97 -12.71 -6.42
C LEU B 108 -13.09 -11.53 -6.78
N GLN B 109 -12.06 -11.19 -5.97
CA GLN B 109 -11.10 -10.16 -6.41
C GLN B 109 -10.54 -10.49 -7.79
N SER B 110 -10.13 -11.75 -8.01
N SER B 110 -10.13 -11.75 -8.06
CA SER B 110 -9.55 -12.22 -9.25
CA SER B 110 -9.53 -12.10 -9.34
C SER B 110 -10.51 -12.05 -10.43
C SER B 110 -10.54 -12.05 -10.49
N VAL B 111 -11.81 -12.34 -10.18
CA VAL B 111 -12.84 -12.20 -11.19
C VAL B 111 -13.03 -10.71 -11.54
N PHE B 112 -13.10 -9.86 -10.51
CA PHE B 112 -13.20 -8.43 -10.79
C PHE B 112 -12.04 -7.94 -11.66
N THR B 113 -10.80 -8.27 -11.26
CA THR B 113 -9.64 -7.80 -12.02
C THR B 113 -9.70 -8.29 -13.47
N SER B 114 -10.01 -9.56 -13.67
CA SER B 114 -10.00 -10.16 -14.99
C SER B 114 -11.10 -9.61 -15.88
N VAL B 115 -12.31 -9.40 -15.33
CA VAL B 115 -13.44 -8.90 -16.07
C VAL B 115 -13.19 -7.42 -16.44
N ARG B 116 -12.62 -6.67 -15.50
CA ARG B 116 -12.32 -5.26 -15.78
C ARG B 116 -11.29 -5.17 -16.91
N GLN B 117 -10.32 -6.07 -16.87
CA GLN B 117 -9.26 -6.07 -17.90
C GLN B 117 -9.87 -6.31 -19.26
N LYS B 118 -10.91 -7.15 -19.34
CA LYS B 118 -11.44 -7.58 -20.62
C LYS B 118 -12.32 -6.45 -21.15
N ILE B 119 -13.12 -5.88 -20.23
CA ILE B 119 -14.10 -4.86 -20.58
C ILE B 119 -13.39 -3.55 -20.93
N GLU B 120 -12.15 -3.36 -20.47
CA GLU B 120 -11.30 -2.35 -21.07
C GLU B 120 -10.72 -2.87 -22.38
N ALA C 3 36.25 -15.29 15.18
CA ALA C 3 35.34 -16.23 14.47
C ALA C 3 34.29 -16.79 15.44
N GLU C 4 33.19 -17.30 14.86
CA GLU C 4 32.09 -17.89 15.63
C GLU C 4 31.37 -18.97 14.81
N LYS C 5 31.16 -20.15 15.41
CA LYS C 5 30.46 -21.22 14.73
C LYS C 5 29.28 -21.65 15.60
N LEU C 6 28.08 -21.21 15.19
CA LEU C 6 26.87 -21.49 15.94
C LEU C 6 26.26 -22.82 15.50
N SER C 7 25.56 -23.48 16.44
CA SER C 7 24.72 -24.55 15.94
C SER C 7 23.32 -24.00 15.60
N PRO C 8 22.67 -24.57 14.56
CA PRO C 8 21.32 -24.19 14.16
C PRO C 8 20.35 -24.19 15.34
N ASN C 9 19.45 -23.19 15.38
CA ASN C 9 18.42 -23.15 16.40
C ASN C 9 17.45 -24.32 16.19
N PRO C 10 16.70 -24.71 17.25
CA PRO C 10 15.63 -25.68 17.07
C PRO C 10 14.59 -25.09 16.11
N PRO C 11 14.05 -25.93 15.22
CA PRO C 11 13.17 -25.43 14.16
C PRO C 11 11.99 -24.57 14.65
N ASN C 12 11.37 -24.89 15.79
CA ASN C 12 10.21 -24.12 16.18
C ASN C 12 10.59 -22.71 16.63
N LEU C 13 11.83 -22.49 17.11
CA LEU C 13 12.20 -21.14 17.51
C LEU C 13 12.39 -20.29 16.24
N THR C 14 13.10 -20.87 15.28
CA THR C 14 13.26 -20.20 13.99
C THR C 14 11.89 -19.82 13.40
N LYS C 15 10.94 -20.78 13.44
CA LYS C 15 9.61 -20.53 12.90
C LYS C 15 8.94 -19.36 13.64
N LYS C 16 9.08 -19.28 14.96
CA LYS C 16 8.50 -18.20 15.77
C LYS C 16 9.12 -16.84 15.40
N MET C 17 10.45 -16.80 15.27
CA MET C 17 11.10 -15.54 14.92
C MET C 17 10.56 -15.04 13.59
N LYS C 18 10.50 -15.95 12.59
CA LYS C 18 10.00 -15.57 11.27
C LYS C 18 8.56 -15.08 11.36
N LYS C 19 7.75 -15.77 12.17
CA LYS C 19 6.34 -15.41 12.26
C LYS C 19 6.19 -14.00 12.84
N ILE C 20 6.99 -13.65 13.86
CA ILE C 20 6.93 -12.36 14.52
C ILE C 20 7.37 -11.29 13.53
N VAL C 21 8.48 -11.53 12.83
CA VAL C 21 8.96 -10.49 11.91
C VAL C 21 7.97 -10.30 10.76
N ASP C 22 7.37 -11.40 10.29
CA ASP C 22 6.45 -11.30 9.17
C ASP C 22 5.24 -10.48 9.60
N ALA C 23 4.79 -10.66 10.85
CA ALA C 23 3.65 -9.90 11.33
C ALA C 23 3.97 -8.43 11.46
N VAL C 24 5.19 -8.10 11.86
CA VAL C 24 5.57 -6.71 11.97
C VAL C 24 5.62 -6.09 10.56
N ILE C 25 6.17 -6.86 9.62
CA ILE C 25 6.37 -6.34 8.27
C ILE C 25 5.00 -6.15 7.59
N LYS C 26 4.03 -7.06 7.85
CA LYS C 26 2.76 -6.98 7.15
C LYS C 26 1.80 -5.97 7.77
N TYR C 27 2.10 -5.47 8.99
CA TYR C 27 1.20 -4.60 9.71
C TYR C 27 0.79 -3.40 8.86
N LYS C 28 -0.52 -3.11 8.85
CA LYS C 28 -1.05 -1.94 8.17
C LYS C 28 -1.67 -1.00 9.20
N ASP C 29 -1.48 0.32 8.99
CA ASP C 29 -2.28 1.32 9.68
C ASP C 29 -3.75 1.03 9.37
N SER C 30 -4.60 0.99 10.40
CA SER C 30 -5.93 0.46 10.16
C SER C 30 -6.79 1.50 9.43
N SER C 31 -6.44 2.77 9.58
CA SER C 31 -7.22 3.85 8.97
C SER C 31 -6.76 4.16 7.54
N SER C 32 -5.44 4.15 7.29
CA SER C 32 -4.92 4.53 5.99
C SER C 32 -4.64 3.32 5.11
N GLY C 33 -4.48 2.14 5.73
CA GLY C 33 -4.11 0.94 5.00
C GLY C 33 -2.61 0.86 4.66
N ARG C 34 -1.79 1.81 5.15
CA ARG C 34 -0.39 1.88 4.76
C ARG C 34 0.44 0.81 5.50
N GLN C 35 1.33 0.12 4.79
CA GLN C 35 2.21 -0.84 5.44
C GLN C 35 3.41 -0.10 6.04
N LEU C 36 3.48 -0.01 7.38
CA LEU C 36 4.43 0.87 8.06
C LEU C 36 5.86 0.45 7.81
N SER C 37 6.06 -0.85 7.57
CA SER C 37 7.42 -1.36 7.49
C SER C 37 8.13 -0.97 6.19
N GLU C 38 7.41 -0.41 5.19
CA GLU C 38 7.96 -0.29 3.84
C GLU C 38 9.34 0.39 3.77
N VAL C 39 9.47 1.54 4.45
CA VAL C 39 10.68 2.33 4.41
C VAL C 39 11.82 1.56 5.06
N PHE C 40 11.50 0.62 5.96
CA PHE C 40 12.51 0.00 6.83
C PHE C 40 13.03 -1.33 6.30
N ILE C 41 12.51 -1.77 5.15
CA ILE C 41 12.94 -3.06 4.61
C ILE C 41 14.45 -3.06 4.33
N GLN C 42 14.94 -2.07 3.61
CA GLN C 42 16.34 -2.00 3.24
C GLN C 42 16.84 -0.57 3.30
N LEU C 43 17.97 -0.36 4.00
CA LEU C 43 18.56 0.97 4.03
C LEU C 43 19.08 1.31 2.63
N PRO C 44 19.22 2.60 2.30
CA PRO C 44 20.11 2.98 1.18
C PRO C 44 21.51 2.46 1.47
N SER C 45 22.22 2.09 0.41
CA SER C 45 23.55 1.54 0.56
C SER C 45 24.53 2.58 1.11
N ARG C 46 25.68 2.07 1.55
CA ARG C 46 26.73 2.96 2.05
C ARG C 46 27.23 3.88 0.95
N LYS C 47 27.28 3.38 -0.29
CA LYS C 47 27.70 4.25 -1.39
C LYS C 47 26.66 5.33 -1.68
N GLU C 48 25.38 4.99 -1.55
CA GLU C 48 24.32 5.89 -1.97
C GLU C 48 23.97 6.94 -0.93
N LEU C 49 24.16 6.63 0.36
CA LEU C 49 23.82 7.60 1.39
C LEU C 49 24.93 7.59 2.46
N PRO C 50 26.12 8.08 2.09
CA PRO C 50 27.25 8.01 3.02
C PRO C 50 26.99 8.76 4.34
N GLU C 51 26.24 9.89 4.27
CA GLU C 51 25.95 10.65 5.50
C GLU C 51 25.29 9.77 6.57
N TYR C 52 24.44 8.80 6.16
CA TYR C 52 23.73 7.96 7.12
C TYR C 52 24.73 7.20 7.98
N TYR C 53 25.77 6.67 7.32
CA TYR C 53 26.73 5.76 7.93
C TYR C 53 27.73 6.57 8.79
N GLU C 54 27.87 7.87 8.53
CA GLU C 54 28.70 8.74 9.36
C GLU C 54 28.00 9.03 10.68
N LEU C 55 26.66 9.05 10.68
CA LEU C 55 25.86 9.57 11.78
C LEU C 55 25.31 8.45 12.64
N ILE C 56 24.88 7.35 12.02
CA ILE C 56 24.27 6.23 12.74
C ILE C 56 25.29 5.13 12.92
N ARG C 57 25.60 4.85 14.20
CA ARG C 57 26.70 4.00 14.57
C ARG C 57 26.47 2.53 14.17
N LYS C 58 25.24 2.03 14.35
CA LYS C 58 24.99 0.62 14.10
C LYS C 58 23.74 0.46 13.23
N PRO C 59 23.88 0.63 11.89
CA PRO C 59 22.73 0.45 10.99
C PRO C 59 22.14 -0.96 11.07
N VAL C 60 20.80 -1.04 10.95
CA VAL C 60 20.08 -2.30 10.75
C VAL C 60 18.78 -2.04 9.96
N ASP C 61 18.32 -3.04 9.21
CA ASP C 61 17.07 -2.94 8.46
C ASP C 61 16.42 -4.33 8.52
N PHE C 62 15.21 -4.47 7.96
CA PHE C 62 14.54 -5.78 8.05
C PHE C 62 15.22 -6.84 7.21
N LYS C 63 15.90 -6.42 6.12
CA LYS C 63 16.68 -7.39 5.36
C LYS C 63 17.72 -8.08 6.26
N LYS C 64 18.46 -7.28 7.05
CA LYS C 64 19.50 -7.84 7.93
C LYS C 64 18.86 -8.70 9.03
N ILE C 65 17.71 -8.24 9.55
CA ILE C 65 17.03 -9.01 10.60
C ILE C 65 16.64 -10.39 10.06
N LYS C 66 16.16 -10.46 8.83
CA LYS C 66 15.80 -11.76 8.27
C LYS C 66 17.02 -12.64 8.07
N GLU C 67 18.16 -12.03 7.70
CA GLU C 67 19.40 -12.78 7.50
C GLU C 67 19.79 -13.43 8.84
N ARG C 68 19.58 -12.68 9.90
CA ARG C 68 20.07 -13.05 11.23
C ARG C 68 19.20 -14.12 11.86
N ILE C 69 17.94 -14.21 11.39
CA ILE C 69 17.10 -15.35 11.78
C ILE C 69 17.61 -16.56 11.03
N ARG C 70 17.81 -16.38 9.72
CA ARG C 70 18.15 -17.48 8.82
C ARG C 70 19.47 -18.15 9.22
N ASN C 71 20.47 -17.35 9.62
CA ASN C 71 21.78 -17.90 9.97
C ASN C 71 21.96 -18.08 11.47
N HIS C 72 20.85 -17.97 12.23
CA HIS C 72 20.83 -18.36 13.64
C HIS C 72 21.69 -17.45 14.50
N LYS C 73 21.95 -16.21 14.05
CA LYS C 73 22.66 -15.26 14.89
C LYS C 73 21.88 -14.94 16.17
N TYR C 74 20.57 -14.76 16.05
CA TYR C 74 19.69 -14.60 17.20
C TYR C 74 19.54 -15.97 17.83
N ARG C 75 19.76 -16.05 19.16
CA ARG C 75 19.62 -17.32 19.85
C ARG C 75 18.35 -17.36 20.68
N SER C 76 17.60 -16.24 20.68
CA SER C 76 16.37 -16.17 21.42
C SER C 76 15.54 -15.03 20.86
N LEU C 77 14.28 -14.99 21.29
CA LEU C 77 13.42 -13.88 20.93
C LEU C 77 13.98 -12.57 21.46
N ASN C 78 14.70 -12.59 22.60
CA ASN C 78 15.31 -11.37 23.10
C ASN C 78 16.35 -10.82 22.16
N ASP C 79 17.13 -11.69 21.49
CA ASP C 79 18.16 -11.23 20.59
C ASP C 79 17.50 -10.56 19.39
N LEU C 80 16.40 -11.16 18.92
CA LEU C 80 15.66 -10.60 17.79
C LEU C 80 15.12 -9.23 18.21
N GLU C 81 14.53 -9.18 19.39
CA GLU C 81 13.91 -7.93 19.86
C GLU C 81 14.93 -6.80 19.93
N LYS C 82 16.15 -7.10 20.39
CA LYS C 82 17.20 -6.09 20.49
C LYS C 82 17.45 -5.44 19.13
N ASP C 83 17.47 -6.25 18.06
CA ASP C 83 17.78 -5.69 16.74
C ASP C 83 16.59 -4.87 16.23
N VAL C 84 15.37 -5.35 16.48
CA VAL C 84 14.20 -4.63 16.01
C VAL C 84 14.14 -3.29 16.76
N MET C 85 14.46 -3.31 18.07
CA MET C 85 14.43 -2.06 18.81
C MET C 85 15.56 -1.12 18.40
N LEU C 86 16.71 -1.66 17.97
CA LEU C 86 17.82 -0.86 17.47
C LEU C 86 17.41 -0.20 16.14
N LEU C 87 16.71 -0.95 15.28
CA LEU C 87 16.20 -0.40 14.01
C LEU C 87 15.35 0.83 14.30
N CYS C 88 14.42 0.70 15.24
CA CYS C 88 13.50 1.77 15.55
C CYS C 88 14.24 2.93 16.22
N GLN C 89 15.18 2.62 17.12
CA GLN C 89 15.96 3.70 17.76
C GLN C 89 16.72 4.51 16.72
N ASN C 90 17.31 3.82 15.74
CA ASN C 90 18.10 4.50 14.72
C ASN C 90 17.18 5.42 13.94
N ALA C 91 15.93 4.97 13.70
CA ALA C 91 15.00 5.80 12.94
C ALA C 91 14.70 7.08 13.70
N GLN C 92 14.62 6.97 15.03
CA GLN C 92 14.35 8.11 15.88
C GLN C 92 15.60 9.01 16.02
N THR C 93 16.81 8.44 15.94
CA THR C 93 18.02 9.23 16.05
C THR C 93 18.18 10.12 14.81
N PHE C 94 17.86 9.53 13.65
CA PHE C 94 18.22 10.12 12.37
C PHE C 94 17.19 11.12 11.89
N ASN C 95 15.95 11.03 12.39
CA ASN C 95 14.82 11.77 11.84
C ASN C 95 14.13 12.54 12.95
N LEU C 96 13.44 13.63 12.63
CA LEU C 96 12.87 14.46 13.67
C LEU C 96 11.59 13.87 14.26
N GLU C 97 11.35 14.14 15.56
CA GLU C 97 10.11 13.74 16.22
C GLU C 97 8.96 14.32 15.43
N GLY C 98 7.90 13.53 15.24
CA GLY C 98 6.77 14.01 14.46
C GLY C 98 6.85 13.63 12.99
N SER C 99 8.06 13.34 12.48
CA SER C 99 8.21 12.94 11.07
C SER C 99 7.61 11.56 10.85
N LEU C 100 7.26 11.24 9.60
CA LEU C 100 6.67 9.95 9.29
C LEU C 100 7.58 8.80 9.74
N ILE C 101 8.88 8.85 9.39
CA ILE C 101 9.77 7.74 9.68
C ILE C 101 9.89 7.61 11.21
N TYR C 102 10.05 8.74 11.91
CA TYR C 102 10.15 8.67 13.35
C TYR C 102 8.90 8.02 13.96
N GLU C 103 7.73 8.55 13.60
CA GLU C 103 6.48 8.09 14.20
C GLU C 103 6.17 6.64 13.81
N ASP C 104 6.45 6.28 12.55
CA ASP C 104 6.21 4.91 12.13
C ASP C 104 7.06 3.98 12.98
N SER C 105 8.31 4.38 13.30
CA SER C 105 9.15 3.46 14.07
C SER C 105 8.60 3.22 15.48
N ILE C 106 7.98 4.25 16.05
CA ILE C 106 7.37 4.13 17.38
C ILE C 106 6.26 3.08 17.31
N VAL C 107 5.42 3.18 16.28
CA VAL C 107 4.31 2.26 16.11
C VAL C 107 4.87 0.84 15.93
N LEU C 108 5.90 0.70 15.10
CA LEU C 108 6.44 -0.63 14.86
C LEU C 108 7.01 -1.25 16.14
N GLN C 109 7.66 -0.46 17.02
CA GLN C 109 8.06 -0.99 18.34
C GLN C 109 6.87 -1.65 19.05
N SER C 110 5.74 -0.94 19.09
CA SER C 110 4.56 -1.43 19.78
C SER C 110 3.98 -2.68 19.12
N VAL C 111 4.07 -2.74 17.79
CA VAL C 111 3.60 -3.89 17.03
C VAL C 111 4.49 -5.09 17.35
N PHE C 112 5.81 -4.92 17.38
CA PHE C 112 6.71 -6.02 17.72
C PHE C 112 6.36 -6.55 19.11
N THR C 113 6.23 -5.66 20.10
CA THR C 113 5.95 -6.09 21.46
C THR C 113 4.63 -6.87 21.50
N SER C 114 3.59 -6.35 20.86
CA SER C 114 2.27 -6.96 20.88
C SER C 114 2.27 -8.34 20.19
N VAL C 115 2.92 -8.43 19.03
CA VAL C 115 2.99 -9.66 18.28
C VAL C 115 3.83 -10.70 19.04
N ARG C 116 4.95 -10.29 19.66
CA ARG C 116 5.79 -11.22 20.40
C ARG C 116 4.96 -11.80 21.55
N GLN C 117 4.19 -10.92 22.22
CA GLN C 117 3.35 -11.34 23.33
C GLN C 117 1.99 -11.81 22.87
N LYS C 118 1.82 -12.16 21.59
CA LYS C 118 0.59 -12.82 21.17
C LYS C 118 0.85 -14.32 21.30
N ILE C 119 1.99 -14.74 20.75
CA ILE C 119 2.42 -16.13 20.79
C ILE C 119 2.82 -16.48 22.23
C13 GJN D . 19.51 11.13 -13.78
C15 GJN D . 17.59 9.84 -14.53
C11 GJN D . 17.97 10.21 -12.10
C12 GJN D . 19.14 10.96 -12.43
N GJN D . 17.12 6.80 -12.11
C GJN D . 15.96 7.53 -12.40
C9 GJN D . 16.00 8.88 -12.89
C10 GJN D . 17.25 9.65 -13.19
C14 GJN D . 18.77 10.57 -14.83
C2 GJN D . 14.69 9.42 -13.14
N3 GJN D . 14.34 10.62 -13.64
C3 GJN D . 12.99 10.72 -13.67
C8 GJN D . 12.38 9.46 -13.17
C1 GJN D . 13.49 8.58 -12.85
N2 GJN D . 13.55 7.34 -12.33
N1 GJN D . 14.80 6.96 -12.19
C7 GJN D . 11.01 9.25 -13.11
C6 GJN D . 10.20 10.35 -13.51
C5 GJN D . 10.81 11.53 -13.95
C4 GJN D . 12.17 11.79 -14.06
C13 GJN E . -23.23 -15.68 8.73
C15 GJN E . -21.82 -13.74 8.67
C11 GJN E . -21.61 -15.48 6.96
C12 GJN E . -22.62 -16.19 7.57
N GJN E . -18.38 -14.73 8.01
C GJN E . -18.70 -13.66 7.19
C9 GJN E . -20.14 -13.42 6.93
C10 GJN E . -21.20 -14.25 7.52
C14 GJN E . -22.83 -14.47 9.29
C2 GJN E . -20.41 -12.25 6.10
N3 GJN E . -21.57 -11.70 5.60
C3 GJN E . -21.32 -10.60 4.83
C8 GJN E . -19.84 -10.39 4.78
C1 GJN E . -19.27 -11.47 5.60
N2 GJN E . -17.98 -11.73 5.84
N1 GJN E . -17.73 -12.84 6.71
C7 GJN E . -19.16 -9.39 4.08
C6 GJN E . -20.02 -8.52 3.35
C5 GJN E . -21.42 -8.73 3.44
C4 GJN E . -22.11 -9.69 4.10
C13 GJN F . 15.69 7.43 1.72
C15 GJN F . 16.74 7.63 3.91
C11 GJN F . 14.70 6.36 3.59
C12 GJN F . 14.68 6.66 2.23
N GJN F . 15.79 9.00 6.51
C GJN F . 15.83 7.67 6.86
C9 GJN F . 15.79 6.57 5.86
C10 GJN F . 15.72 6.86 4.42
C14 GJN F . 16.73 7.93 2.55
C2 GJN F . 15.78 5.21 6.36
N3 GJN F . 15.75 4.00 5.76
C3 GJN F . 15.80 3.00 6.73
C8 GJN F . 15.89 3.61 8.08
C1 GJN F . 15.91 5.04 7.80
N2 GJN F . 15.98 6.08 8.64
N1 GJN F . 15.92 7.34 8.17
C7 GJN F . 16.00 2.89 9.27
C6 GJN F . 16.00 1.50 9.13
C5 GJN F . 15.95 0.88 7.89
C4 GJN F . 15.80 1.59 6.70
#